data_6Y6B
#
_entry.id   6Y6B
#
_cell.length_a   226.266
_cell.length_b   226.266
_cell.length_c   72.993
_cell.angle_alpha   90.000
_cell.angle_beta   90.000
_cell.angle_gamma   120.000
#
_symmetry.space_group_name_H-M   'P 63 2 2'
#
loop_
_entity.id
_entity.type
_entity.pdbx_description
1 polymer '14-3-3 protein gamma'
2 polymer 'Calcium/calmodulin-dependent protein kinase kinase 2'
3 non-polymer '(2~{R},3~{S},4~{S},5~{R},6~{S})-2-(hydroxymethyl)-6-[[(1~{S},3~{R},6~{S},7~{S},8~{R},9~{R},10~{R},11~{R},14~{S})-14-(me thoxymethyl)-3,10-dimethyl-9-oxidanyl-6-propan-2-yl-8-tricyclo[9.3.0.0^{3,7}]tetradecanyl]oxy]oxane-3,4,5-triol'
#
loop_
_entity_poly.entity_id
_entity_poly.type
_entity_poly.pdbx_seq_one_letter_code
_entity_poly.pdbx_strand_id
1 'polypeptide(L)'
;GHMVDREQLVQKARLAEQAERYDDMAAAMKNVTELNEPLSNEERNLLSVAYKNVVGARRSSWRVISSIEQKTSADGNEKK
IEMVRAYREKIEKELEAVCQDVLSLLDNYLIKNCSETQYESKVFYLKMKGDYYRYLAEVATGEKRATVVESSEKAYSEAH
EISKEHMQPTHPIRLGLALNYSVFYYEIQNAPEQACHLAKTAFDDAIAELDTLNEDSYKDSTLIMQLLRDNLTLWT
;
A,B
2 'polypeptide(L)' RKL(SEP)LQER C,D
#
loop_
_chem_comp.id
_chem_comp.type
_chem_comp.name
_chem_comp.formula
OD8 non-polymer '(2~{R},3~{S},4~{S},5~{R},6~{S})-2-(hydroxymethyl)-6-[[(1~{S},3~{R},6~{S},7~{S},8~{R},9~{R},10~{R},11~{R},14~{S})-14-(me thoxymethyl)-3,10-dimethyl-9-oxidanyl-6-propan-2-yl-8-tricyclo[9.3.0.0^{3,7}]tetradecanyl]oxy]oxane-3,4,5-triol' 'C27 H48 O8'
#
# COMPACT_ATOMS: atom_id res chain seq x y z
N VAL A 4 -2.70 25.32 -7.13
CA VAL A 4 -3.91 25.61 -7.89
C VAL A 4 -3.60 25.67 -9.37
N ASP A 5 -2.31 25.67 -9.71
CA ASP A 5 -1.87 25.71 -11.09
C ASP A 5 -1.65 24.31 -11.63
N ARG A 6 -1.39 24.22 -12.93
CA ARG A 6 -1.27 22.92 -13.59
C ARG A 6 0.09 22.27 -13.34
N GLU A 7 1.16 23.07 -13.34
CA GLU A 7 2.50 22.50 -13.23
C GLU A 7 2.72 21.86 -11.86
N GLN A 8 2.22 22.49 -10.79
CA GLN A 8 2.45 21.96 -9.46
C GLN A 8 1.59 20.73 -9.18
N LEU A 9 0.40 20.65 -9.78
CA LEU A 9 -0.42 19.44 -9.63
C LEU A 9 0.29 18.24 -10.22
N VAL A 10 1.00 18.43 -11.34
CA VAL A 10 1.78 17.34 -11.92
C VAL A 10 2.98 17.03 -11.04
N GLN A 11 3.58 18.06 -10.43
CA GLN A 11 4.66 17.81 -9.47
C GLN A 11 4.13 17.13 -8.22
N LYS A 12 2.92 17.48 -7.79
CA LYS A 12 2.32 16.80 -6.65
C LYS A 12 2.04 15.33 -6.96
N ALA A 13 1.63 15.04 -8.20
CA ALA A 13 1.40 13.66 -8.60
C ALA A 13 2.70 12.87 -8.62
N ARG A 14 3.80 13.49 -9.03
CA ARG A 14 5.09 12.81 -9.00
C ARG A 14 5.54 12.55 -7.57
N LEU A 15 5.31 13.50 -6.67
CA LEU A 15 5.67 13.29 -5.27
C LEU A 15 4.80 12.22 -4.63
N ALA A 16 3.52 12.17 -4.98
CA ALA A 16 2.64 11.14 -4.45
C ALA A 16 3.02 9.76 -4.96
N GLU A 17 3.58 9.68 -6.17
CA GLU A 17 4.02 8.40 -6.70
C GLU A 17 5.23 7.87 -5.94
N GLN A 18 6.17 8.76 -5.59
CA GLN A 18 7.35 8.36 -4.83
C GLN A 18 7.04 8.14 -3.36
N ALA A 19 5.87 8.56 -2.88
CA ALA A 19 5.42 8.28 -1.52
C ALA A 19 4.39 7.16 -1.48
N GLU A 20 4.14 6.50 -2.61
CA GLU A 20 3.18 5.41 -2.73
C GLU A 20 1.77 5.82 -2.32
N ARG A 21 1.46 7.12 -2.37
CA ARG A 21 0.12 7.61 -2.08
C ARG A 21 -0.65 7.77 -3.40
N TYR A 22 -0.98 6.62 -3.99
CA TYR A 22 -1.61 6.61 -5.31
C TYR A 22 -3.02 7.20 -5.29
N ASP A 23 -3.65 7.29 -4.12
CA ASP A 23 -4.94 7.96 -4.04
C ASP A 23 -4.79 9.46 -4.27
N ASP A 24 -3.77 10.06 -3.67
CA ASP A 24 -3.49 11.47 -3.92
C ASP A 24 -3.01 11.68 -5.36
N MET A 25 -2.23 10.74 -5.89
CA MET A 25 -1.73 10.86 -7.25
C MET A 25 -2.87 10.81 -8.26
N ALA A 26 -3.83 9.90 -8.07
CA ALA A 26 -4.97 9.83 -8.96
C ALA A 26 -5.86 11.06 -8.85
N ALA A 27 -5.87 11.71 -7.68
CA ALA A 27 -6.66 12.92 -7.52
C ALA A 27 -6.01 14.11 -8.21
N ALA A 28 -4.68 14.21 -8.15
CA ALA A 28 -3.99 15.31 -8.81
C ALA A 28 -4.11 15.22 -10.33
N MET A 29 -3.95 14.01 -10.89
CA MET A 29 -4.09 13.85 -12.32
C MET A 29 -5.53 13.99 -12.77
N LYS A 30 -6.48 13.72 -11.87
CA LYS A 30 -7.88 13.97 -12.20
C LYS A 30 -8.15 15.46 -12.34
N ASN A 31 -7.53 16.27 -11.49
CA ASN A 31 -7.69 17.72 -11.62
C ASN A 31 -6.99 18.25 -12.86
N VAL A 32 -5.82 17.70 -13.18
CA VAL A 32 -5.12 18.08 -14.41
C VAL A 32 -5.96 17.73 -15.63
N THR A 33 -6.59 16.55 -15.60
CA THR A 33 -7.47 16.15 -16.70
C THR A 33 -8.74 17.02 -16.73
N GLU A 34 -9.25 17.38 -15.55
CA GLU A 34 -10.44 18.23 -15.48
C GLU A 34 -10.18 19.67 -15.89
N LEU A 35 -8.93 20.04 -16.17
CA LEU A 35 -8.64 21.37 -16.70
C LEU A 35 -9.01 21.53 -18.16
N ASN A 36 -9.60 20.50 -18.77
CA ASN A 36 -10.07 20.49 -20.16
C ASN A 36 -8.94 20.71 -21.17
N GLU A 37 -7.67 20.61 -20.74
CA GLU A 37 -6.56 20.72 -21.66
C GLU A 37 -5.99 19.35 -21.96
N PRO A 38 -5.73 19.02 -23.22
CA PRO A 38 -5.24 17.68 -23.55
C PRO A 38 -3.93 17.38 -22.84
N LEU A 39 -3.85 16.17 -22.28
CA LEU A 39 -2.68 15.75 -21.53
C LEU A 39 -1.53 15.40 -22.47
N SER A 40 -0.31 15.66 -22.01
CA SER A 40 0.88 15.35 -22.78
C SER A 40 1.19 13.85 -22.65
N ASN A 41 2.34 13.43 -23.16
CA ASN A 41 2.71 12.02 -23.07
C ASN A 41 3.04 11.62 -21.64
N GLU A 42 3.75 12.49 -20.92
CA GLU A 42 4.09 12.18 -19.53
C GLU A 42 2.87 12.30 -18.62
N GLU A 43 2.02 13.29 -18.86
CA GLU A 43 0.81 13.45 -18.05
C GLU A 43 -0.16 12.30 -18.29
N ARG A 44 -0.26 11.82 -19.52
CA ARG A 44 -1.12 10.67 -19.82
C ARG A 44 -0.62 9.42 -19.09
N ASN A 45 0.70 9.24 -19.01
CA ASN A 45 1.23 8.09 -18.30
C ASN A 45 1.06 8.22 -16.79
N LEU A 46 1.15 9.45 -16.26
CA LEU A 46 0.94 9.65 -14.83
C LEU A 46 -0.49 9.34 -14.43
N LEU A 47 -1.46 9.81 -15.22
CA LEU A 47 -2.86 9.49 -14.95
C LEU A 47 -3.11 7.99 -15.07
N SER A 48 -2.48 7.34 -16.06
CA SER A 48 -2.68 5.92 -16.26
C SER A 48 -2.10 5.11 -15.11
N VAL A 49 -0.85 5.42 -14.72
CA VAL A 49 -0.19 4.67 -13.65
C VAL A 49 -0.91 4.88 -12.32
N ALA A 50 -1.41 6.09 -12.08
CA ALA A 50 -2.08 6.39 -10.81
C ALA A 50 -3.33 5.54 -10.65
N TYR A 51 -4.25 5.61 -11.62
CA TYR A 51 -5.51 4.87 -11.51
C TYR A 51 -5.27 3.37 -11.64
N LYS A 52 -4.20 2.95 -12.32
CA LYS A 52 -3.90 1.53 -12.41
C LYS A 52 -3.54 0.96 -11.03
N ASN A 53 -2.74 1.69 -10.25
CA ASN A 53 -2.40 1.23 -8.92
C ASN A 53 -3.59 1.34 -7.97
N VAL A 54 -4.46 2.33 -8.18
CA VAL A 54 -5.64 2.47 -7.33
C VAL A 54 -6.62 1.33 -7.58
N VAL A 55 -7.02 1.16 -8.85
CA VAL A 55 -7.93 0.06 -9.17
C VAL A 55 -7.25 -1.28 -9.01
N GLY A 56 -5.91 -1.33 -9.09
CA GLY A 56 -5.21 -2.59 -8.91
C GLY A 56 -5.25 -3.07 -7.47
N ALA A 57 -5.09 -2.15 -6.51
CA ALA A 57 -5.17 -2.52 -5.11
C ALA A 57 -6.57 -2.96 -4.73
N ARG A 58 -7.60 -2.38 -5.36
CA ARG A 58 -8.97 -2.81 -5.09
C ARG A 58 -9.26 -4.17 -5.70
N ARG A 59 -8.65 -4.48 -6.85
CA ARG A 59 -8.88 -5.78 -7.47
C ARG A 59 -8.20 -6.89 -6.68
N SER A 60 -6.97 -6.64 -6.20
CA SER A 60 -6.28 -7.65 -5.40
C SER A 60 -7.03 -7.95 -4.11
N SER A 61 -7.51 -6.90 -3.43
CA SER A 61 -8.29 -7.11 -2.21
C SER A 61 -9.61 -7.81 -2.51
N TRP A 62 -10.20 -7.55 -3.68
CA TRP A 62 -11.42 -8.24 -4.04
C TRP A 62 -11.15 -9.70 -4.38
N ARG A 63 -10.04 -9.98 -5.06
CA ARG A 63 -9.71 -11.36 -5.42
C ARG A 63 -9.34 -12.19 -4.20
N VAL A 64 -8.80 -11.57 -3.16
CA VAL A 64 -8.48 -12.30 -1.94
C VAL A 64 -9.75 -12.62 -1.16
N ILE A 65 -10.66 -11.64 -1.05
CA ILE A 65 -11.92 -11.88 -0.34
C ILE A 65 -12.78 -12.88 -1.11
N SER A 66 -12.76 -12.81 -2.44
CA SER A 66 -13.54 -13.76 -3.24
C SER A 66 -12.99 -15.18 -3.10
N SER A 67 -11.66 -15.32 -3.05
CA SER A 67 -11.07 -16.65 -2.88
C SER A 67 -11.35 -17.21 -1.49
N ILE A 68 -11.45 -16.34 -0.48
CA ILE A 68 -11.80 -16.80 0.86
C ILE A 68 -13.27 -17.19 0.92
N GLU A 69 -14.14 -16.43 0.26
CA GLU A 69 -15.55 -16.78 0.18
C GLU A 69 -15.74 -18.09 -0.58
N GLN A 70 -14.88 -18.38 -1.56
CA GLN A 70 -14.98 -19.61 -2.32
C GLN A 70 -14.44 -20.80 -1.53
N LYS A 71 -13.27 -20.64 -0.92
CA LYS A 71 -12.65 -21.74 -0.17
C LYS A 71 -13.44 -22.09 1.09
N THR A 72 -14.20 -21.15 1.64
CA THR A 72 -14.98 -21.41 2.84
C THR A 72 -16.48 -21.34 2.53
N LYS A 79 -23.23 -16.80 9.72
CA LYS A 79 -22.84 -15.62 10.47
C LYS A 79 -21.44 -15.16 10.08
N LYS A 80 -20.59 -16.11 9.69
CA LYS A 80 -19.23 -15.80 9.28
C LYS A 80 -19.11 -15.54 7.79
N ILE A 81 -20.06 -16.02 6.99
CA ILE A 81 -20.04 -15.80 5.54
C ILE A 81 -20.74 -14.50 5.17
N GLU A 82 -21.82 -14.16 5.88
CA GLU A 82 -22.54 -12.93 5.59
C GLU A 82 -21.64 -11.70 5.75
N MET A 83 -20.67 -11.77 6.66
CA MET A 83 -19.73 -10.65 6.81
C MET A 83 -18.72 -10.63 5.66
N VAL A 84 -18.30 -11.80 5.19
CA VAL A 84 -17.38 -11.88 4.06
C VAL A 84 -18.03 -11.30 2.81
N ARG A 85 -19.31 -11.64 2.58
CA ARG A 85 -20.03 -11.06 1.46
C ARG A 85 -20.22 -9.56 1.62
N ALA A 86 -20.33 -9.08 2.86
CA ALA A 86 -20.44 -7.64 3.08
C ALA A 86 -19.12 -6.93 2.77
N TYR A 87 -18.00 -7.54 3.17
CA TYR A 87 -16.69 -6.98 2.84
C TYR A 87 -16.42 -7.08 1.35
N ARG A 88 -17.02 -8.05 0.67
CA ARG A 88 -16.90 -8.15 -0.78
C ARG A 88 -17.60 -6.98 -1.46
N GLU A 89 -18.85 -6.71 -1.09
CA GLU A 89 -19.61 -5.64 -1.71
C GLU A 89 -19.03 -4.27 -1.35
N LYS A 90 -18.42 -4.15 -0.17
CA LYS A 90 -17.78 -2.88 0.20
C LYS A 90 -16.60 -2.57 -0.71
N ILE A 91 -15.77 -3.57 -1.00
CA ILE A 91 -14.66 -3.38 -1.92
C ILE A 91 -15.19 -3.18 -3.34
N GLU A 92 -16.28 -3.88 -3.69
CA GLU A 92 -16.90 -3.69 -5.00
C GLU A 92 -17.39 -2.26 -5.18
N LYS A 93 -17.98 -1.68 -4.12
CA LYS A 93 -18.45 -0.30 -4.20
C LYS A 93 -17.30 0.66 -4.45
N GLU A 94 -16.17 0.45 -3.76
CA GLU A 94 -15.00 1.29 -4.00
C GLU A 94 -14.42 1.05 -5.39
N LEU A 95 -14.38 -0.22 -5.81
CA LEU A 95 -13.86 -0.54 -7.14
C LEU A 95 -14.73 0.06 -8.24
N GLU A 96 -16.05 -0.06 -8.10
CA GLU A 96 -16.95 0.53 -9.09
C GLU A 96 -16.90 2.04 -9.06
N ALA A 97 -16.66 2.64 -7.89
CA ALA A 97 -16.58 4.10 -7.81
C ALA A 97 -15.34 4.62 -8.52
N VAL A 98 -14.20 3.93 -8.38
CA VAL A 98 -12.98 4.34 -9.05
C VAL A 98 -13.11 4.15 -10.55
N CYS A 99 -13.77 3.07 -10.98
CA CYS A 99 -13.95 2.81 -12.41
C CYS A 99 -14.85 3.86 -13.04
N GLN A 100 -16.01 4.11 -12.45
CA GLN A 100 -16.91 5.13 -12.98
C GLN A 100 -16.30 6.51 -12.93
N ASP A 101 -15.33 6.75 -12.04
CA ASP A 101 -14.64 8.03 -11.99
C ASP A 101 -13.72 8.20 -13.19
N VAL A 102 -12.86 7.20 -13.46
CA VAL A 102 -11.94 7.31 -14.58
C VAL A 102 -12.68 7.16 -15.90
N LEU A 103 -13.76 6.37 -15.94
CA LEU A 103 -14.55 6.26 -17.16
C LEU A 103 -15.22 7.59 -17.51
N SER A 104 -15.61 8.36 -16.50
CA SER A 104 -16.16 9.69 -16.77
C SER A 104 -15.09 10.64 -17.29
N LEU A 105 -13.85 10.50 -16.82
CA LEU A 105 -12.77 11.33 -17.35
C LEU A 105 -12.44 10.96 -18.79
N LEU A 106 -12.72 9.73 -19.20
CA LEU A 106 -12.47 9.33 -20.57
C LEU A 106 -13.54 9.86 -21.52
N ASP A 107 -14.81 9.64 -21.20
CA ASP A 107 -15.92 10.02 -22.07
C ASP A 107 -16.23 11.51 -22.03
N ASN A 108 -15.51 12.30 -21.24
CA ASN A 108 -15.78 13.72 -21.15
C ASN A 108 -14.57 14.60 -21.45
N TYR A 109 -13.37 14.16 -21.07
CA TYR A 109 -12.18 15.00 -21.21
C TYR A 109 -11.13 14.38 -22.13
N LEU A 110 -10.81 13.11 -21.95
CA LEU A 110 -9.70 12.51 -22.68
C LEU A 110 -10.09 12.18 -24.12
N ILE A 111 -11.09 11.33 -24.30
CA ILE A 111 -11.49 10.93 -25.66
C ILE A 111 -12.09 12.11 -26.41
N LYS A 112 -12.79 13.01 -25.72
CA LYS A 112 -13.44 14.12 -26.39
C LYS A 112 -12.44 15.07 -27.03
N ASN A 113 -11.26 15.23 -26.43
CA ASN A 113 -10.23 16.12 -26.94
C ASN A 113 -9.29 15.42 -27.93
N CYS A 114 -9.67 14.25 -28.43
CA CYS A 114 -8.87 13.51 -29.39
C CYS A 114 -9.50 13.61 -30.77
N SER A 115 -8.78 14.21 -31.71
CA SER A 115 -9.27 14.32 -33.07
C SER A 115 -9.17 12.96 -33.77
N GLU A 116 -9.76 12.91 -34.98
CA GLU A 116 -9.74 11.67 -35.76
C GLU A 116 -8.37 11.33 -36.32
N THR A 117 -7.38 12.20 -36.14
CA THR A 117 -6.03 11.96 -36.62
C THR A 117 -5.05 11.61 -35.51
N GLN A 118 -5.41 11.82 -34.25
CA GLN A 118 -4.57 11.43 -33.11
C GLN A 118 -4.78 9.95 -32.84
N TYR A 119 -4.23 9.12 -33.74
CA TYR A 119 -4.47 7.69 -33.66
C TYR A 119 -3.80 7.07 -32.44
N GLU A 120 -2.57 7.47 -32.13
CA GLU A 120 -1.88 6.89 -30.99
C GLU A 120 -2.58 7.22 -29.69
N SER A 121 -3.08 8.45 -29.54
CA SER A 121 -3.77 8.83 -28.32
C SER A 121 -5.16 8.23 -28.25
N LYS A 122 -5.85 8.08 -29.39
CA LYS A 122 -7.20 7.53 -29.37
C LYS A 122 -7.18 6.04 -29.06
N VAL A 123 -6.17 5.32 -29.56
CA VAL A 123 -6.04 3.90 -29.23
C VAL A 123 -5.76 3.72 -27.74
N PHE A 124 -4.90 4.58 -27.19
CA PHE A 124 -4.55 4.47 -25.77
C PHE A 124 -5.77 4.69 -24.88
N TYR A 125 -6.59 5.69 -25.20
CA TYR A 125 -7.75 5.99 -24.37
C TYR A 125 -8.89 4.99 -24.60
N LEU A 126 -9.04 4.47 -25.82
CA LEU A 126 -10.06 3.45 -26.06
C LEU A 126 -9.68 2.14 -25.39
N LYS A 127 -8.39 1.80 -25.38
CA LYS A 127 -7.93 0.63 -24.63
C LYS A 127 -8.19 0.82 -23.13
N MET A 128 -7.89 2.02 -22.62
CA MET A 128 -8.15 2.31 -21.21
C MET A 128 -9.64 2.21 -20.91
N LYS A 129 -10.48 2.69 -21.82
CA LYS A 129 -11.92 2.56 -21.63
C LYS A 129 -12.35 1.10 -21.60
N GLY A 130 -11.73 0.27 -22.44
CA GLY A 130 -12.03 -1.15 -22.43
C GLY A 130 -11.49 -1.87 -21.22
N ASP A 131 -10.36 -1.40 -20.68
CA ASP A 131 -9.79 -2.03 -19.50
C ASP A 131 -10.66 -1.80 -18.27
N TYR A 132 -11.01 -0.55 -17.99
CA TYR A 132 -11.80 -0.25 -16.81
C TYR A 132 -13.24 -0.68 -16.94
N TYR A 133 -13.74 -0.88 -18.16
CA TYR A 133 -15.04 -1.52 -18.33
C TYR A 133 -14.93 -3.02 -18.13
N ARG A 134 -13.80 -3.62 -18.50
CA ARG A 134 -13.56 -5.02 -18.19
C ARG A 134 -13.42 -5.23 -16.68
N TYR A 135 -12.84 -4.26 -15.98
CA TYR A 135 -12.72 -4.35 -14.53
C TYR A 135 -14.11 -4.38 -13.88
N LEU A 136 -15.05 -3.63 -14.42
CA LEU A 136 -16.42 -3.69 -13.93
C LEU A 136 -17.07 -5.03 -14.23
N ALA A 137 -16.69 -5.67 -15.33
CA ALA A 137 -17.22 -6.99 -15.66
C ALA A 137 -16.73 -8.07 -14.70
N GLU A 138 -15.67 -7.79 -13.94
CA GLU A 138 -15.15 -8.78 -13.00
C GLU A 138 -15.99 -8.88 -11.73
N VAL A 139 -16.76 -7.85 -11.40
CA VAL A 139 -17.56 -7.82 -10.18
C VAL A 139 -19.04 -7.65 -10.45
N ALA A 140 -19.45 -7.52 -11.71
CA ALA A 140 -20.86 -7.32 -12.04
C ALA A 140 -21.56 -8.67 -12.20
N THR A 141 -22.86 -8.67 -11.90
CA THR A 141 -23.68 -9.87 -11.98
C THR A 141 -24.96 -9.58 -12.74
N GLY A 142 -25.43 -10.58 -13.49
CA GLY A 142 -26.70 -10.46 -14.17
C GLY A 142 -26.63 -9.55 -15.37
N GLU A 143 -27.69 -8.76 -15.57
CA GLU A 143 -27.75 -7.84 -16.70
C GLU A 143 -26.72 -6.72 -16.58
N LYS A 144 -26.28 -6.39 -15.37
CA LYS A 144 -25.25 -5.37 -15.21
C LYS A 144 -23.92 -5.82 -15.81
N ARG A 145 -23.68 -7.13 -15.87
CA ARG A 145 -22.45 -7.64 -16.47
C ARG A 145 -22.52 -7.53 -17.99
N ALA A 146 -23.60 -8.01 -18.60
CA ALA A 146 -23.72 -7.96 -20.05
C ALA A 146 -23.75 -6.53 -20.57
N THR A 147 -24.17 -5.58 -19.72
CA THR A 147 -24.17 -4.17 -20.13
C THR A 147 -22.76 -3.64 -20.24
N VAL A 148 -21.91 -3.92 -19.25
CA VAL A 148 -20.53 -3.43 -19.28
C VAL A 148 -19.64 -4.30 -20.15
N VAL A 149 -20.01 -5.55 -20.42
CA VAL A 149 -19.23 -6.38 -21.33
C VAL A 149 -19.40 -5.89 -22.76
N GLU A 150 -20.64 -5.57 -23.15
CA GLU A 150 -20.86 -5.00 -24.48
C GLU A 150 -20.17 -3.65 -24.63
N SER A 151 -20.05 -2.89 -23.54
CA SER A 151 -19.34 -1.63 -23.59
C SER A 151 -17.84 -1.85 -23.75
N SER A 152 -17.29 -2.81 -23.02
CA SER A 152 -15.87 -3.13 -23.17
C SER A 152 -15.58 -3.73 -24.53
N GLU A 153 -16.52 -4.47 -25.10
CA GLU A 153 -16.32 -5.04 -26.43
C GLU A 153 -16.23 -3.93 -27.48
N LYS A 154 -17.15 -2.97 -27.43
CA LYS A 154 -17.13 -1.88 -28.40
C LYS A 154 -15.90 -1.01 -28.26
N ALA A 155 -15.43 -0.83 -27.02
CA ALA A 155 -14.22 -0.03 -26.80
C ALA A 155 -12.98 -0.74 -27.32
N TYR A 156 -12.88 -2.05 -27.08
CA TYR A 156 -11.73 -2.80 -27.60
C TYR A 156 -11.82 -2.97 -29.10
N SER A 157 -13.02 -3.18 -29.64
CA SER A 157 -13.17 -3.37 -31.08
C SER A 157 -12.81 -2.10 -31.84
N GLU A 158 -13.30 -0.95 -31.37
CA GLU A 158 -12.97 0.31 -32.04
C GLU A 158 -11.48 0.62 -31.93
N ALA A 159 -10.86 0.32 -30.78
CA ALA A 159 -9.42 0.51 -30.65
C ALA A 159 -8.64 -0.47 -31.52
N HIS A 160 -9.16 -1.69 -31.70
CA HIS A 160 -8.47 -2.68 -32.51
C HIS A 160 -8.46 -2.27 -33.98
N GLU A 161 -9.59 -1.78 -34.49
CA GLU A 161 -9.65 -1.41 -35.90
C GLU A 161 -8.77 -0.20 -36.20
N ILE A 162 -8.72 0.76 -35.28
CA ILE A 162 -7.88 1.94 -35.50
C ILE A 162 -6.41 1.55 -35.47
N SER A 163 -6.00 0.70 -34.52
CA SER A 163 -4.61 0.26 -34.45
C SER A 163 -4.27 -0.73 -35.56
N LYS A 164 -5.25 -1.42 -36.13
CA LYS A 164 -4.97 -2.38 -37.19
C LYS A 164 -4.65 -1.68 -38.50
N GLU A 165 -5.19 -0.48 -38.72
CA GLU A 165 -5.02 0.25 -39.98
C GLU A 165 -4.03 1.39 -39.88
N HIS A 166 -4.21 2.29 -38.91
CA HIS A 166 -3.42 3.51 -38.82
C HIS A 166 -2.22 3.38 -37.87
N MET A 167 -1.87 2.16 -37.47
CA MET A 167 -0.78 1.96 -36.54
C MET A 167 0.12 0.83 -37.04
N GLN A 168 1.34 0.78 -36.49
CA GLN A 168 2.37 -0.18 -36.82
C GLN A 168 2.23 -1.44 -35.97
N PRO A 169 2.37 -2.62 -36.57
CA PRO A 169 2.24 -3.86 -35.79
C PRO A 169 3.23 -3.99 -34.65
N THR A 170 4.39 -3.32 -34.72
CA THR A 170 5.39 -3.37 -33.67
C THR A 170 5.21 -2.28 -32.62
N HIS A 171 4.14 -1.49 -32.71
CA HIS A 171 3.93 -0.42 -31.75
C HIS A 171 3.59 -1.00 -30.39
N PRO A 172 4.27 -0.55 -29.32
CA PRO A 172 3.96 -1.10 -27.99
C PRO A 172 2.51 -0.88 -27.56
N ILE A 173 1.92 0.25 -27.92
CA ILE A 173 0.52 0.50 -27.56
C ILE A 173 -0.39 -0.46 -28.30
N ARG A 174 -0.08 -0.75 -29.57
CA ARG A 174 -0.89 -1.70 -30.33
C ARG A 174 -0.72 -3.11 -29.77
N LEU A 175 0.49 -3.48 -29.37
CA LEU A 175 0.70 -4.79 -28.77
C LEU A 175 0.04 -4.90 -27.41
N GLY A 176 0.16 -3.86 -26.58
CA GLY A 176 -0.51 -3.86 -25.29
C GLY A 176 -2.02 -3.91 -25.41
N LEU A 177 -2.57 -3.31 -26.47
CA LEU A 177 -4.01 -3.42 -26.71
C LEU A 177 -4.40 -4.85 -27.05
N ALA A 178 -3.61 -5.53 -27.89
CA ALA A 178 -3.90 -6.91 -28.24
C ALA A 178 -3.74 -7.84 -27.04
N LEU A 179 -2.81 -7.52 -26.13
CA LEU A 179 -2.65 -8.33 -24.93
C LEU A 179 -3.89 -8.23 -24.05
N ASN A 180 -4.38 -7.01 -23.80
CA ASN A 180 -5.56 -6.85 -22.97
C ASN A 180 -6.83 -7.30 -23.70
N TYR A 181 -6.82 -7.23 -25.03
CA TYR A 181 -7.96 -7.75 -25.79
C TYR A 181 -8.05 -9.27 -25.69
N SER A 182 -6.89 -9.94 -25.71
CA SER A 182 -6.88 -11.39 -25.53
C SER A 182 -7.27 -11.77 -24.11
N VAL A 183 -6.81 -10.98 -23.12
CA VAL A 183 -7.20 -11.23 -21.73
C VAL A 183 -8.71 -11.03 -21.57
N PHE A 184 -9.28 -10.07 -22.28
CA PHE A 184 -10.72 -9.84 -22.21
C PHE A 184 -11.50 -11.04 -22.76
N TYR A 185 -11.05 -11.60 -23.89
CA TYR A 185 -11.72 -12.74 -24.48
C TYR A 185 -11.57 -14.00 -23.65
N TYR A 186 -10.54 -14.07 -22.80
CA TYR A 186 -10.28 -15.28 -22.02
C TYR A 186 -10.94 -15.22 -20.64
N GLU A 187 -10.69 -14.16 -19.88
CA GLU A 187 -11.16 -14.09 -18.51
C GLU A 187 -12.59 -13.57 -18.38
N ILE A 188 -13.12 -12.91 -19.40
CA ILE A 188 -14.47 -12.35 -19.36
C ILE A 188 -15.42 -13.13 -20.26
N GLN A 189 -15.12 -13.21 -21.56
CA GLN A 189 -15.98 -13.91 -22.49
C GLN A 189 -15.80 -15.42 -22.45
N ASN A 190 -14.73 -15.91 -21.83
CA ASN A 190 -14.43 -17.35 -21.72
C ASN A 190 -14.42 -18.00 -23.09
N ALA A 191 -13.56 -17.47 -23.96
CA ALA A 191 -13.37 -17.98 -25.32
C ALA A 191 -11.88 -18.07 -25.59
N PRO A 192 -11.22 -19.13 -25.12
CA PRO A 192 -9.78 -19.29 -25.38
C PRO A 192 -9.44 -19.34 -26.86
N GLU A 193 -10.38 -19.72 -27.72
CA GLU A 193 -10.14 -19.67 -29.16
C GLU A 193 -9.99 -18.24 -29.64
N GLN A 194 -10.89 -17.36 -29.20
CA GLN A 194 -10.78 -15.94 -29.58
C GLN A 194 -9.58 -15.28 -28.91
N ALA A 195 -9.24 -15.69 -27.69
CA ALA A 195 -8.13 -15.07 -26.97
C ALA A 195 -6.79 -15.39 -27.64
N CYS A 196 -6.52 -16.67 -27.89
CA CYS A 196 -5.27 -17.06 -28.50
C CYS A 196 -5.18 -16.64 -29.96
N HIS A 197 -6.31 -16.44 -30.63
CA HIS A 197 -6.28 -16.00 -32.02
C HIS A 197 -5.73 -14.59 -32.15
N LEU A 198 -6.23 -13.66 -31.34
CA LEU A 198 -5.73 -12.29 -31.39
C LEU A 198 -4.30 -12.19 -30.90
N ALA A 199 -3.95 -12.98 -29.88
CA ALA A 199 -2.58 -12.94 -29.35
C ALA A 199 -1.59 -13.49 -30.37
N LYS A 200 -1.94 -14.60 -31.04
CA LYS A 200 -1.04 -15.16 -32.04
C LYS A 200 -0.97 -14.29 -33.28
N THR A 201 -2.09 -13.68 -33.68
CA THR A 201 -2.08 -12.81 -34.85
C THR A 201 -1.21 -11.58 -34.61
N ALA A 202 -1.38 -10.93 -33.46
CA ALA A 202 -0.55 -9.77 -33.15
C ALA A 202 0.91 -10.16 -32.93
N PHE A 203 1.16 -11.36 -32.42
CA PHE A 203 2.53 -11.81 -32.23
C PHE A 203 3.21 -12.08 -33.56
N ASP A 204 2.50 -12.70 -34.51
CA ASP A 204 3.08 -12.97 -35.82
C ASP A 204 3.33 -11.68 -36.60
N ASP A 205 2.39 -10.72 -36.52
CA ASP A 205 2.56 -9.46 -37.22
C ASP A 205 3.71 -8.65 -36.62
N ALA A 206 3.98 -8.80 -35.33
CA ALA A 206 5.09 -8.09 -34.70
C ALA A 206 6.43 -8.76 -34.99
N ILE A 207 6.47 -10.09 -35.08
CA ILE A 207 7.71 -10.78 -35.38
C ILE A 207 8.14 -10.53 -36.82
N ALA A 208 7.18 -10.39 -37.74
CA ALA A 208 7.51 -10.16 -39.13
C ALA A 208 8.33 -8.90 -39.33
N GLU A 209 8.06 -7.87 -38.53
CA GLU A 209 8.81 -6.61 -38.59
C GLU A 209 9.65 -6.39 -37.34
N LEU A 210 10.09 -7.49 -36.70
CA LEU A 210 10.90 -7.38 -35.49
C LEU A 210 12.33 -6.97 -35.78
N ASP A 211 12.78 -7.04 -37.03
CA ASP A 211 14.15 -6.69 -37.39
C ASP A 211 14.37 -5.18 -37.45
N THR A 212 13.31 -4.38 -37.38
CA THR A 212 13.47 -2.93 -37.44
C THR A 212 14.22 -2.41 -36.21
N LEU A 213 13.83 -2.88 -35.02
CA LEU A 213 14.50 -2.54 -33.76
C LEU A 213 14.51 -1.03 -33.54
N ASN A 214 13.31 -0.49 -33.35
CA ASN A 214 13.13 0.94 -33.12
C ASN A 214 14.02 1.44 -31.99
N GLU A 215 14.90 2.39 -32.34
CA GLU A 215 15.86 2.90 -31.37
C GLU A 215 15.21 3.73 -30.26
N ASP A 216 13.98 4.20 -30.47
CA ASP A 216 13.29 4.98 -29.45
C ASP A 216 12.98 4.13 -28.22
N SER A 217 12.20 3.07 -28.41
CA SER A 217 11.86 2.15 -27.32
C SER A 217 11.71 0.75 -27.91
N TYR A 218 12.82 -0.01 -27.86
CA TYR A 218 12.81 -1.39 -28.32
C TYR A 218 12.62 -2.40 -27.20
N LYS A 219 13.13 -2.09 -26.00
CA LYS A 219 12.91 -2.98 -24.86
C LYS A 219 11.46 -3.03 -24.45
N ASP A 220 10.74 -1.90 -24.58
CA ASP A 220 9.32 -1.90 -24.26
C ASP A 220 8.52 -2.75 -25.25
N SER A 221 8.91 -2.73 -26.52
CA SER A 221 8.21 -3.53 -27.52
C SER A 221 8.48 -5.01 -27.32
N THR A 222 9.73 -5.38 -27.03
CA THR A 222 10.06 -6.79 -26.82
C THR A 222 9.51 -7.31 -25.49
N LEU A 223 9.33 -6.43 -24.50
CA LEU A 223 8.79 -6.87 -23.23
C LEU A 223 7.31 -7.24 -23.35
N ILE A 224 6.55 -6.47 -24.15
CA ILE A 224 5.14 -6.81 -24.35
C ILE A 224 5.01 -8.09 -25.16
N MET A 225 5.91 -8.31 -26.11
CA MET A 225 5.92 -9.59 -26.83
C MET A 225 6.25 -10.74 -25.90
N GLN A 226 7.11 -10.51 -24.90
CA GLN A 226 7.37 -11.53 -23.90
C GLN A 226 6.12 -11.81 -23.06
N LEU A 227 5.36 -10.77 -22.75
CA LEU A 227 4.09 -10.98 -22.05
C LEU A 227 3.10 -11.73 -22.91
N LEU A 228 3.07 -11.43 -24.21
CA LEU A 228 2.26 -12.23 -25.13
C LEU A 228 2.78 -13.66 -25.22
N ARG A 229 4.10 -13.83 -25.18
CA ARG A 229 4.68 -15.17 -25.24
C ARG A 229 4.44 -15.93 -23.94
N ASP A 230 4.53 -15.25 -22.80
CA ASP A 230 4.26 -15.91 -21.52
C ASP A 230 2.80 -16.30 -21.39
N ASN A 231 1.88 -15.52 -21.97
CA ASN A 231 0.48 -15.88 -21.93
C ASN A 231 0.17 -17.08 -22.82
N LEU A 232 0.87 -17.21 -23.95
CA LEU A 232 0.69 -18.37 -24.80
C LEU A 232 1.18 -19.65 -24.13
N THR A 233 2.23 -19.55 -23.32
CA THR A 233 2.74 -20.72 -22.62
C THR A 233 1.83 -21.12 -21.46
N LEU A 234 1.28 -20.13 -20.75
CA LEU A 234 0.39 -20.43 -19.63
C LEU A 234 -0.91 -21.06 -20.11
N TRP A 235 -1.51 -20.49 -21.16
CA TRP A 235 -2.76 -21.02 -21.71
C TRP A 235 -2.52 -22.31 -22.46
N VAL B 4 -22.19 -8.45 13.51
CA VAL B 4 -21.40 -7.28 13.86
C VAL B 4 -20.93 -7.38 15.31
N ASP B 5 -20.91 -8.59 15.84
CA ASP B 5 -20.47 -8.82 17.21
C ASP B 5 -18.95 -8.81 17.28
N ARG B 6 -18.40 -9.16 18.44
CA ARG B 6 -16.95 -9.17 18.61
C ARG B 6 -16.28 -10.20 17.72
N GLU B 7 -16.90 -11.38 17.56
CA GLU B 7 -16.32 -12.42 16.72
C GLU B 7 -16.30 -11.99 15.27
N GLN B 8 -17.31 -11.25 14.81
CA GLN B 8 -17.36 -10.82 13.43
C GLN B 8 -16.35 -9.71 13.15
N LEU B 9 -16.14 -8.81 14.11
CA LEU B 9 -15.18 -7.74 13.92
C LEU B 9 -13.75 -8.27 13.84
N VAL B 10 -13.43 -9.30 14.63
CA VAL B 10 -12.12 -9.91 14.53
C VAL B 10 -11.96 -10.64 13.20
N GLN B 11 -13.04 -11.29 12.74
CA GLN B 11 -13.00 -11.93 11.42
C GLN B 11 -12.79 -10.90 10.32
N LYS B 12 -13.38 -9.71 10.46
CA LYS B 12 -13.16 -8.66 9.48
C LYS B 12 -11.72 -8.17 9.52
N ALA B 13 -11.15 -8.03 10.72
CA ALA B 13 -9.75 -7.62 10.82
C ALA B 13 -8.82 -8.68 10.24
N ARG B 14 -9.20 -9.96 10.33
CA ARG B 14 -8.41 -11.00 9.69
C ARG B 14 -8.50 -10.91 8.17
N LEU B 15 -9.68 -10.56 7.65
CA LEU B 15 -9.85 -10.40 6.21
C LEU B 15 -9.09 -9.18 5.70
N ALA B 16 -9.14 -8.07 6.45
CA ALA B 16 -8.45 -6.86 6.04
C ALA B 16 -6.94 -7.07 5.99
N GLU B 17 -6.41 -7.91 6.87
CA GLU B 17 -4.99 -8.24 6.81
C GLU B 17 -4.67 -9.07 5.58
N GLN B 18 -5.56 -9.99 5.22
CA GLN B 18 -5.35 -10.78 4.00
C GLN B 18 -5.50 -9.91 2.76
N ALA B 19 -6.44 -8.95 2.80
CA ALA B 19 -6.63 -8.01 1.70
C ALA B 19 -5.68 -6.82 1.78
N GLU B 20 -4.80 -6.78 2.78
CA GLU B 20 -3.85 -5.70 2.98
C GLU B 20 -4.52 -4.34 3.13
N ARG B 21 -5.78 -4.33 3.58
CA ARG B 21 -6.49 -3.08 3.88
C ARG B 21 -6.31 -2.76 5.36
N TYR B 22 -5.10 -2.32 5.69
CA TYR B 22 -4.74 -2.08 7.09
C TYR B 22 -5.54 -0.95 7.72
N ASP B 23 -6.07 -0.03 6.91
CA ASP B 23 -6.94 1.02 7.46
C ASP B 23 -8.22 0.42 8.03
N ASP B 24 -8.83 -0.52 7.29
CA ASP B 24 -10.00 -1.21 7.81
C ASP B 24 -9.63 -2.15 8.95
N MET B 25 -8.43 -2.73 8.90
CA MET B 25 -8.00 -3.63 9.96
C MET B 25 -7.84 -2.90 11.29
N ALA B 26 -7.23 -1.71 11.25
CA ALA B 26 -7.08 -0.93 12.48
C ALA B 26 -8.41 -0.39 12.96
N ALA B 27 -9.33 -0.09 12.04
CA ALA B 27 -10.65 0.39 12.44
C ALA B 27 -11.47 -0.71 13.08
N ALA B 28 -11.35 -1.94 12.59
CA ALA B 28 -12.09 -3.05 13.17
C ALA B 28 -11.57 -3.37 14.57
N MET B 29 -10.25 -3.43 14.73
CA MET B 29 -9.67 -3.71 16.04
C MET B 29 -9.82 -2.53 17.00
N LYS B 30 -10.00 -1.31 16.48
CA LYS B 30 -10.30 -0.19 17.36
C LYS B 30 -11.66 -0.36 18.02
N ASN B 31 -12.65 -0.83 17.27
CA ASN B 31 -13.97 -1.06 17.83
C ASN B 31 -13.94 -2.21 18.84
N VAL B 32 -13.14 -3.25 18.57
CA VAL B 32 -12.98 -4.33 19.53
C VAL B 32 -12.33 -3.82 20.80
N THR B 33 -11.36 -2.91 20.66
CA THR B 33 -10.74 -2.30 21.83
C THR B 33 -11.76 -1.44 22.59
N GLU B 34 -12.65 -0.76 21.86
CA GLU B 34 -13.66 0.08 22.49
C GLU B 34 -14.77 -0.72 23.15
N LEU B 35 -14.77 -2.05 23.00
CA LEU B 35 -15.75 -2.89 23.69
C LEU B 35 -15.45 -3.03 25.17
N ASN B 36 -14.33 -2.48 25.65
CA ASN B 36 -13.95 -2.50 27.06
C ASN B 36 -13.82 -3.93 27.57
N GLU B 37 -13.20 -4.80 26.77
CA GLU B 37 -12.94 -6.17 27.14
C GLU B 37 -11.45 -6.48 26.95
N PRO B 38 -10.90 -7.39 27.74
CA PRO B 38 -9.49 -7.76 27.54
C PRO B 38 -9.26 -8.37 26.17
N LEU B 39 -8.08 -8.13 25.63
CA LEU B 39 -7.73 -8.57 24.29
C LEU B 39 -6.91 -9.85 24.35
N SER B 40 -7.33 -10.85 23.58
CA SER B 40 -6.56 -12.09 23.48
C SER B 40 -5.20 -11.84 22.85
N ASN B 41 -4.29 -12.79 23.03
CA ASN B 41 -2.96 -12.67 22.44
C ASN B 41 -3.03 -12.52 20.93
N GLU B 42 -3.97 -13.22 20.29
CA GLU B 42 -4.19 -13.04 18.86
C GLU B 42 -4.78 -11.66 18.56
N GLU B 43 -5.84 -11.30 19.30
CA GLU B 43 -6.47 -10.00 19.08
C GLU B 43 -5.52 -8.86 19.43
N ARG B 44 -4.68 -9.05 20.45
CA ARG B 44 -3.70 -8.02 20.81
C ARG B 44 -2.67 -7.82 19.71
N ASN B 45 -2.24 -8.92 19.08
CA ASN B 45 -1.24 -8.80 18.02
C ASN B 45 -1.84 -8.23 16.74
N LEU B 46 -3.08 -8.61 16.42
CA LEU B 46 -3.72 -8.08 15.23
C LEU B 46 -3.96 -6.57 15.35
N LEU B 47 -4.36 -6.10 16.53
CA LEU B 47 -4.52 -4.67 16.74
C LEU B 47 -3.20 -3.94 16.56
N SER B 48 -2.12 -4.48 17.13
CA SER B 48 -0.82 -3.82 17.04
C SER B 48 -0.27 -3.86 15.62
N VAL B 49 -0.43 -5.00 14.94
CA VAL B 49 0.07 -5.11 13.56
C VAL B 49 -0.67 -4.13 12.65
N ALA B 50 -1.98 -3.99 12.84
CA ALA B 50 -2.77 -3.13 11.97
C ALA B 50 -2.29 -1.68 12.07
N TYR B 51 -2.23 -1.13 13.28
CA TYR B 51 -1.87 0.27 13.43
C TYR B 51 -0.40 0.52 13.11
N LYS B 52 0.45 -0.49 13.27
CA LYS B 52 1.86 -0.31 12.93
C LYS B 52 2.06 -0.16 11.43
N ASN B 53 1.32 -0.94 10.63
CA ASN B 53 1.39 -0.78 9.18
C ASN B 53 0.74 0.52 8.74
N VAL B 54 -0.31 0.96 9.43
CA VAL B 54 -0.94 2.23 9.09
C VAL B 54 0.00 3.39 9.39
N VAL B 55 0.57 3.41 10.59
CA VAL B 55 1.51 4.48 10.94
C VAL B 55 2.81 4.30 10.16
N GLY B 56 3.16 3.07 9.79
CA GLY B 56 4.36 2.85 9.02
C GLY B 56 4.27 3.39 7.61
N ALA B 57 3.06 3.39 7.02
CA ALA B 57 2.89 3.96 5.69
C ALA B 57 3.05 5.46 5.71
N ARG B 58 2.59 6.13 6.77
CA ARG B 58 2.73 7.58 6.86
C ARG B 58 4.17 7.97 7.17
N ARG B 59 4.86 7.16 7.99
CA ARG B 59 6.26 7.43 8.27
C ARG B 59 7.12 7.29 7.02
N SER B 60 6.85 6.27 6.20
CA SER B 60 7.61 6.09 4.97
C SER B 60 7.36 7.24 4.00
N SER B 61 6.11 7.67 3.86
CA SER B 61 5.80 8.80 2.98
C SER B 61 6.41 10.08 3.51
N TRP B 62 6.51 10.24 4.83
CA TRP B 62 7.06 11.46 5.39
C TRP B 62 8.57 11.55 5.16
N ARG B 63 9.28 10.43 5.34
CA ARG B 63 10.72 10.44 5.14
C ARG B 63 11.09 10.77 3.70
N VAL B 64 10.25 10.38 2.74
CA VAL B 64 10.54 10.65 1.34
C VAL B 64 10.35 12.13 1.03
N ILE B 65 9.22 12.70 1.47
CA ILE B 65 8.92 14.10 1.18
C ILE B 65 9.86 15.01 1.97
N SER B 66 10.13 14.67 3.23
CA SER B 66 11.09 15.45 4.01
C SER B 66 12.47 15.44 3.38
N SER B 67 12.86 14.31 2.77
CA SER B 67 14.13 14.27 2.05
C SER B 67 14.11 15.17 0.82
N ILE B 68 12.94 15.36 0.21
CA ILE B 68 12.83 16.28 -0.91
C ILE B 68 13.04 17.72 -0.44
N GLU B 69 12.48 18.07 0.71
CA GLU B 69 12.68 19.41 1.26
C GLU B 69 14.15 19.65 1.61
N GLN B 70 14.81 18.66 2.20
CA GLN B 70 16.21 18.81 2.55
C GLN B 70 17.09 18.94 1.32
N LYS B 71 16.67 18.35 0.20
CA LYS B 71 17.43 18.48 -1.05
C LYS B 71 17.18 19.83 -1.71
N THR B 72 15.92 20.12 -2.03
CA THR B 72 15.56 21.39 -2.64
C THR B 72 15.08 22.36 -1.56
N SER B 73 16.06 22.83 -0.76
CA SER B 73 15.75 23.78 0.30
C SER B 73 15.34 25.13 -0.27
N ALA B 74 16.22 25.75 -1.06
CA ALA B 74 15.95 27.02 -1.72
C ALA B 74 16.41 26.99 -3.16
N ASP B 75 16.25 25.84 -3.81
CA ASP B 75 16.74 25.64 -5.17
C ASP B 75 15.69 26.15 -6.16
N GLY B 76 15.90 27.37 -6.65
CA GLY B 76 15.04 27.91 -7.69
C GLY B 76 13.64 28.29 -7.27
N ASN B 77 12.66 27.52 -7.75
CA ASN B 77 11.26 27.87 -7.53
C ASN B 77 10.89 27.74 -6.05
N GLU B 78 10.31 28.80 -5.50
CA GLU B 78 9.85 28.78 -4.12
C GLU B 78 8.38 28.38 -4.00
N LYS B 79 7.60 28.54 -5.06
CA LYS B 79 6.20 28.13 -5.01
C LYS B 79 6.07 26.61 -4.96
N LYS B 80 6.96 25.89 -5.64
CA LYS B 80 6.94 24.43 -5.58
C LYS B 80 7.31 23.93 -4.19
N ILE B 81 8.15 24.67 -3.46
CA ILE B 81 8.49 24.27 -2.09
C ILE B 81 7.29 24.44 -1.18
N GLU B 82 6.45 25.44 -1.44
CA GLU B 82 5.21 25.60 -0.69
C GLU B 82 4.29 24.40 -0.88
N MET B 83 4.29 23.82 -2.09
CA MET B 83 3.48 22.64 -2.33
C MET B 83 4.05 21.42 -1.60
N VAL B 84 5.37 21.34 -1.50
CA VAL B 84 5.99 20.21 -0.78
C VAL B 84 5.80 20.38 0.72
N ARG B 85 5.86 21.62 1.21
CA ARG B 85 5.68 21.86 2.64
C ARG B 85 4.26 21.55 3.07
N ALA B 86 3.26 21.97 2.28
CA ALA B 86 1.88 21.67 2.61
C ALA B 86 1.59 20.18 2.49
N TYR B 87 2.26 19.48 1.55
CA TYR B 87 2.11 18.04 1.46
C TYR B 87 2.77 17.34 2.63
N ARG B 88 3.91 17.87 3.10
CA ARG B 88 4.56 17.30 4.28
C ARG B 88 3.73 17.52 5.54
N GLU B 89 3.17 18.73 5.70
CA GLU B 89 2.37 19.02 6.88
C GLU B 89 1.06 18.24 6.89
N LYS B 90 0.54 17.92 5.71
CA LYS B 90 -0.66 17.08 5.64
C LYS B 90 -0.36 15.66 6.07
N ILE B 91 0.84 15.15 5.76
CA ILE B 91 1.23 13.82 6.19
C ILE B 91 1.44 13.80 7.71
N GLU B 92 2.04 14.87 8.25
CA GLU B 92 2.21 14.95 9.70
C GLU B 92 0.86 15.00 10.41
N LYS B 93 -0.11 15.70 9.84
CA LYS B 93 -1.44 15.75 10.43
C LYS B 93 -2.09 14.36 10.45
N GLU B 94 -1.87 13.58 9.39
CA GLU B 94 -2.39 12.22 9.37
C GLU B 94 -1.62 11.32 10.32
N LEU B 95 -0.30 11.49 10.40
CA LEU B 95 0.51 10.67 11.28
C LEU B 95 0.20 10.96 12.74
N GLU B 96 0.10 12.25 13.09
CA GLU B 96 -0.21 12.62 14.47
C GLU B 96 -1.61 12.17 14.86
N ALA B 97 -2.54 12.13 13.91
CA ALA B 97 -3.90 11.68 14.21
C ALA B 97 -3.93 10.18 14.47
N VAL B 98 -3.15 9.40 13.73
CA VAL B 98 -3.11 7.97 13.95
C VAL B 98 -2.43 7.65 15.28
N CYS B 99 -1.35 8.37 15.60
CA CYS B 99 -0.66 8.14 16.86
C CYS B 99 -1.54 8.49 18.05
N GLN B 100 -2.19 9.66 18.01
CA GLN B 100 -3.09 10.04 19.08
C GLN B 100 -4.28 9.09 19.19
N ASP B 101 -4.66 8.45 18.06
CA ASP B 101 -5.71 7.45 18.11
C ASP B 101 -5.24 6.20 18.86
N VAL B 102 -3.99 5.79 18.64
CA VAL B 102 -3.45 4.64 19.35
C VAL B 102 -3.23 4.97 20.82
N LEU B 103 -2.65 6.14 21.10
CA LEU B 103 -2.38 6.52 22.48
C LEU B 103 -3.67 6.72 23.27
N SER B 104 -4.76 7.08 22.58
CA SER B 104 -6.04 7.21 23.27
C SER B 104 -6.61 5.85 23.65
N LEU B 105 -6.53 4.88 22.74
CA LEU B 105 -7.05 3.55 23.04
C LEU B 105 -6.23 2.86 24.13
N LEU B 106 -4.94 3.18 24.22
CA LEU B 106 -4.09 2.56 25.24
C LEU B 106 -4.47 3.04 26.63
N ASP B 107 -4.45 4.35 26.84
CA ASP B 107 -4.67 4.93 28.16
C ASP B 107 -6.15 4.97 28.56
N ASN B 108 -7.05 4.46 27.74
CA ASN B 108 -8.48 4.46 28.05
C ASN B 108 -9.11 3.09 28.08
N TYR B 109 -8.64 2.14 27.27
CA TYR B 109 -9.30 0.84 27.19
C TYR B 109 -8.34 -0.31 27.46
N LEU B 110 -7.05 -0.12 27.15
CA LEU B 110 -6.07 -1.20 27.25
C LEU B 110 -5.25 -1.15 28.53
N ILE B 111 -4.61 -0.02 28.82
CA ILE B 111 -3.80 0.09 30.03
C ILE B 111 -4.69 0.08 31.27
N LYS B 112 -5.88 0.68 31.18
CA LYS B 112 -6.78 0.73 32.32
C LYS B 112 -7.30 -0.66 32.68
N ASN B 113 -7.63 -1.47 31.67
CA ASN B 113 -8.17 -2.80 31.91
C ASN B 113 -7.11 -3.81 32.33
N CYS B 114 -5.82 -3.47 32.21
CA CYS B 114 -4.77 -4.39 32.62
C CYS B 114 -4.70 -4.49 34.14
N SER B 115 -4.74 -5.72 34.65
CA SER B 115 -4.62 -5.96 36.08
C SER B 115 -3.16 -5.98 36.49
N GLU B 116 -2.92 -6.22 37.79
CA GLU B 116 -1.56 -6.28 38.30
C GLU B 116 -0.86 -7.57 37.90
N THR B 117 -1.62 -8.65 37.69
CA THR B 117 -1.02 -9.94 37.33
C THR B 117 -0.75 -10.07 35.84
N GLN B 118 -1.37 -9.22 35.02
CA GLN B 118 -1.16 -9.26 33.56
C GLN B 118 0.08 -8.44 33.21
N TYR B 119 1.25 -9.00 33.56
CA TYR B 119 2.50 -8.32 33.31
C TYR B 119 2.83 -8.30 31.81
N GLU B 120 2.48 -9.38 31.11
CA GLU B 120 2.77 -9.44 29.67
C GLU B 120 1.97 -8.39 28.91
N SER B 121 0.67 -8.29 29.20
CA SER B 121 -0.17 -7.30 28.53
C SER B 121 0.21 -5.89 28.94
N LYS B 122 0.69 -5.69 30.16
CA LYS B 122 1.09 -4.36 30.62
C LYS B 122 2.35 -3.89 29.88
N VAL B 123 3.35 -4.76 29.77
CA VAL B 123 4.56 -4.40 29.04
C VAL B 123 4.28 -4.26 27.55
N PHE B 124 3.37 -5.07 27.02
CA PHE B 124 2.99 -4.96 25.62
C PHE B 124 2.43 -3.58 25.31
N TYR B 125 1.44 -3.14 26.10
CA TYR B 125 0.79 -1.86 25.83
C TYR B 125 1.69 -0.69 26.19
N LEU B 126 2.57 -0.86 27.18
CA LEU B 126 3.47 0.23 27.55
C LEU B 126 4.50 0.50 26.47
N LYS B 127 4.96 -0.55 25.78
CA LYS B 127 5.91 -0.34 24.68
C LYS B 127 5.22 0.30 23.48
N MET B 128 3.95 -0.03 23.25
CA MET B 128 3.20 0.66 22.20
C MET B 128 3.07 2.14 22.50
N LYS B 129 2.83 2.49 23.77
CA LYS B 129 2.81 3.90 24.15
C LYS B 129 4.17 4.53 23.92
N GLY B 130 5.25 3.81 24.20
CA GLY B 130 6.58 4.33 23.93
C GLY B 130 6.92 4.39 22.45
N ASP B 131 6.37 3.47 21.66
CA ASP B 131 6.63 3.48 20.23
C ASP B 131 5.89 4.61 19.54
N TYR B 132 4.58 4.71 19.76
CA TYR B 132 3.78 5.72 19.07
C TYR B 132 4.05 7.13 19.60
N TYR B 133 4.66 7.26 20.77
CA TYR B 133 5.17 8.57 21.19
C TYR B 133 6.51 8.88 20.54
N ARG B 134 7.34 7.86 20.33
CA ARG B 134 8.59 8.05 19.61
C ARG B 134 8.32 8.47 18.17
N TYR B 135 7.27 7.92 17.55
CA TYR B 135 6.91 8.33 16.20
C TYR B 135 6.49 9.79 16.17
N LEU B 136 5.82 10.26 17.22
CA LEU B 136 5.49 11.69 17.31
C LEU B 136 6.73 12.53 17.54
N ALA B 137 7.73 12.00 18.25
CA ALA B 137 8.98 12.73 18.43
C ALA B 137 9.75 12.84 17.13
N GLU B 138 9.55 11.90 16.21
CA GLU B 138 10.17 12.00 14.89
C GLU B 138 9.65 13.22 14.13
N VAL B 139 8.37 13.55 14.29
CA VAL B 139 7.81 14.75 13.68
C VAL B 139 7.51 15.79 14.74
N ALA B 140 8.51 16.60 15.09
CA ALA B 140 8.36 17.63 16.12
C ALA B 140 9.57 18.54 16.16
N THR B 141 9.38 19.81 16.55
CA THR B 141 10.47 20.77 16.64
C THR B 141 10.29 21.64 17.88
N GLY B 142 11.40 21.99 18.52
CA GLY B 142 11.33 22.87 19.68
C GLY B 142 10.82 22.15 20.91
N GLU B 143 9.98 22.85 21.67
CA GLU B 143 9.44 22.28 22.90
C GLU B 143 8.44 21.15 22.63
N LYS B 144 7.82 21.14 21.45
CA LYS B 144 6.86 20.07 21.14
C LYS B 144 7.54 18.72 21.07
N ARG B 145 8.85 18.69 20.78
CA ARG B 145 9.57 17.43 20.74
C ARG B 145 9.84 16.90 22.14
N ALA B 146 10.51 17.71 22.97
CA ALA B 146 10.82 17.28 24.33
C ALA B 146 9.58 17.04 25.16
N THR B 147 8.44 17.64 24.80
CA THR B 147 7.20 17.38 25.52
C THR B 147 6.75 15.94 25.35
N VAL B 148 6.84 15.40 24.12
CA VAL B 148 6.46 14.02 23.88
C VAL B 148 7.62 13.05 24.04
N VAL B 149 8.86 13.53 24.03
CA VAL B 149 10.00 12.65 24.29
C VAL B 149 9.95 12.13 25.72
N GLU B 150 9.67 13.02 26.68
CA GLU B 150 9.51 12.58 28.07
C GLU B 150 8.33 11.63 28.21
N SER B 151 7.29 11.79 27.39
CA SER B 151 6.17 10.86 27.40
C SER B 151 6.59 9.47 26.94
N SER B 152 7.55 9.39 26.01
CA SER B 152 8.08 8.10 25.60
C SER B 152 9.15 7.61 26.55
N GLU B 153 9.87 8.52 27.21
CA GLU B 153 10.87 8.11 28.19
C GLU B 153 10.21 7.44 29.39
N LYS B 154 9.09 7.97 29.86
CA LYS B 154 8.40 7.36 31.00
C LYS B 154 7.70 6.08 30.60
N ALA B 155 7.35 5.92 29.32
CA ALA B 155 6.69 4.70 28.87
C ALA B 155 7.67 3.55 28.76
N TYR B 156 8.88 3.81 28.25
CA TYR B 156 9.87 2.75 28.13
C TYR B 156 10.48 2.39 29.47
N SER B 157 10.81 3.41 30.29
CA SER B 157 11.45 3.14 31.58
C SER B 157 10.51 2.39 32.51
N GLU B 158 9.22 2.73 32.49
CA GLU B 158 8.26 2.02 33.33
C GLU B 158 8.13 0.56 32.89
N ALA B 159 8.03 0.32 31.58
CA ALA B 159 7.95 -1.04 31.08
C ALA B 159 9.26 -1.79 31.31
N HIS B 160 10.38 -1.09 31.29
CA HIS B 160 11.67 -1.74 31.55
C HIS B 160 11.75 -2.25 32.98
N GLU B 161 11.19 -1.50 33.94
CA GLU B 161 11.19 -1.95 35.32
C GLU B 161 10.21 -3.08 35.54
N ILE B 162 9.09 -3.08 34.81
CA ILE B 162 8.08 -4.13 34.98
C ILE B 162 8.54 -5.42 34.33
N SER B 163 8.99 -5.34 33.07
CA SER B 163 9.39 -6.53 32.33
C SER B 163 10.66 -7.16 32.89
N LYS B 164 11.47 -6.40 33.63
CA LYS B 164 12.70 -6.95 34.18
C LYS B 164 12.40 -7.95 35.30
N GLU B 165 11.39 -7.66 36.13
CA GLU B 165 11.12 -8.52 37.27
C GLU B 165 10.27 -9.72 36.89
N HIS B 166 9.03 -9.47 36.45
CA HIS B 166 8.06 -10.54 36.21
C HIS B 166 8.04 -10.98 34.75
N MET B 167 9.19 -11.31 34.19
CA MET B 167 9.26 -11.77 32.81
C MET B 167 10.67 -12.29 32.53
N GLN B 168 10.75 -13.37 31.76
CA GLN B 168 12.04 -13.95 31.41
C GLN B 168 12.81 -13.03 30.46
N PRO B 169 14.14 -13.06 30.50
CA PRO B 169 14.92 -12.26 29.55
C PRO B 169 14.81 -12.75 28.12
N THR B 170 14.39 -14.00 27.90
CA THR B 170 14.23 -14.55 26.56
C THR B 170 12.81 -14.41 26.03
N HIS B 171 11.97 -13.60 26.69
CA HIS B 171 10.61 -13.40 26.22
C HIS B 171 10.59 -12.43 25.05
N PRO B 172 9.75 -12.68 24.04
CA PRO B 172 9.71 -11.76 22.88
C PRO B 172 9.34 -10.33 23.25
N ILE B 173 8.39 -10.15 24.18
CA ILE B 173 8.00 -8.80 24.57
C ILE B 173 9.12 -8.13 25.34
N ARG B 174 9.87 -8.89 26.13
CA ARG B 174 11.00 -8.33 26.87
C ARG B 174 12.10 -7.87 25.91
N LEU B 175 12.46 -8.71 24.94
CA LEU B 175 13.51 -8.35 24.00
C LEU B 175 13.05 -7.25 23.05
N GLY B 176 11.79 -7.30 22.61
CA GLY B 176 11.28 -6.24 21.76
C GLY B 176 11.23 -4.90 22.45
N LEU B 177 10.96 -4.89 23.76
CA LEU B 177 10.97 -3.64 24.52
C LEU B 177 12.37 -3.05 24.58
N ALA B 178 13.37 -3.88 24.88
CA ALA B 178 14.74 -3.39 24.95
C ALA B 178 15.26 -2.98 23.59
N LEU B 179 14.73 -3.58 22.51
CA LEU B 179 15.17 -3.19 21.17
C LEU B 179 14.70 -1.79 20.82
N ASN B 180 13.40 -1.53 20.94
CA ASN B 180 12.87 -0.21 20.61
C ASN B 180 13.33 0.85 21.62
N TYR B 181 13.62 0.44 22.85
CA TYR B 181 14.17 1.39 23.83
C TYR B 181 15.56 1.86 23.41
N SER B 182 16.41 0.93 22.99
CA SER B 182 17.73 1.30 22.49
C SER B 182 17.61 2.16 21.24
N VAL B 183 16.61 1.90 20.39
CA VAL B 183 16.38 2.74 19.23
C VAL B 183 15.98 4.15 19.66
N PHE B 184 15.15 4.26 20.69
CA PHE B 184 14.76 5.57 21.20
C PHE B 184 15.94 6.30 21.83
N TYR B 185 16.89 5.57 22.41
CA TYR B 185 18.06 6.21 22.99
C TYR B 185 19.08 6.62 21.93
N TYR B 186 19.07 5.96 20.77
CA TYR B 186 20.05 6.23 19.72
C TYR B 186 19.54 7.26 18.72
N GLU B 187 18.37 7.03 18.13
CA GLU B 187 17.88 7.91 17.07
C GLU B 187 17.29 9.20 17.61
N ILE B 188 16.64 9.15 18.78
CA ILE B 188 15.95 10.31 19.32
C ILE B 188 16.88 11.10 20.22
N GLN B 189 17.38 10.46 21.28
CA GLN B 189 18.18 11.16 22.28
C GLN B 189 19.64 11.32 21.89
N ASN B 190 20.08 10.73 20.78
CA ASN B 190 21.47 10.81 20.33
C ASN B 190 22.44 10.35 21.41
N ALA B 191 22.05 9.30 22.13
CA ALA B 191 22.85 8.72 23.21
C ALA B 191 23.30 7.33 22.80
N PRO B 192 24.42 7.20 22.06
CA PRO B 192 24.83 5.85 21.64
C PRO B 192 25.34 4.99 22.78
N GLU B 193 25.94 5.60 23.81
CA GLU B 193 26.44 4.82 24.94
C GLU B 193 25.29 4.18 25.72
N GLN B 194 24.19 4.91 25.89
CA GLN B 194 23.04 4.35 26.60
C GLN B 194 22.36 3.25 25.78
N ALA B 195 22.34 3.39 24.45
CA ALA B 195 21.69 2.39 23.62
C ALA B 195 22.53 1.12 23.54
N CYS B 196 23.86 1.26 23.42
CA CYS B 196 24.72 0.09 23.32
C CYS B 196 24.71 -0.72 24.61
N HIS B 197 24.73 -0.03 25.76
CA HIS B 197 24.72 -0.74 27.03
C HIS B 197 23.41 -1.45 27.28
N LEU B 198 22.28 -0.79 26.96
CA LEU B 198 20.98 -1.41 27.17
C LEU B 198 20.77 -2.60 26.23
N ALA B 199 21.20 -2.47 24.98
CA ALA B 199 21.03 -3.56 24.03
C ALA B 199 21.89 -4.76 24.41
N LYS B 200 23.14 -4.52 24.82
CA LYS B 200 24.01 -5.62 25.20
C LYS B 200 23.59 -6.24 26.53
N THR B 201 22.96 -5.47 27.41
CA THR B 201 22.50 -6.01 28.67
C THR B 201 21.38 -7.02 28.46
N ALA B 202 20.37 -6.64 27.67
CA ALA B 202 19.28 -7.56 27.36
C ALA B 202 19.75 -8.71 26.48
N PHE B 203 20.78 -8.48 25.67
CA PHE B 203 21.33 -9.55 24.84
C PHE B 203 22.04 -10.59 25.71
N ASP B 204 22.93 -10.15 26.59
CA ASP B 204 23.63 -11.08 27.48
C ASP B 204 22.67 -11.76 28.45
N ASP B 205 21.62 -11.05 28.89
CA ASP B 205 20.63 -11.68 29.76
C ASP B 205 19.86 -12.77 29.03
N ALA B 206 19.65 -12.61 27.72
CA ALA B 206 18.97 -13.65 26.95
C ALA B 206 19.90 -14.81 26.63
N ILE B 207 21.19 -14.55 26.42
CA ILE B 207 22.14 -15.63 26.17
C ILE B 207 22.31 -16.51 27.40
N ALA B 208 22.21 -15.92 28.60
CA ALA B 208 22.41 -16.68 29.83
C ALA B 208 21.35 -17.76 30.04
N GLU B 209 20.20 -17.66 29.35
CA GLU B 209 19.11 -18.61 29.49
C GLU B 209 18.63 -19.08 28.12
N LEU B 210 19.57 -19.44 27.25
CA LEU B 210 19.19 -19.95 25.93
C LEU B 210 18.50 -21.31 26.03
N ASP B 211 18.77 -22.07 27.09
CA ASP B 211 18.15 -23.38 27.25
C ASP B 211 16.69 -23.30 27.65
N THR B 212 16.19 -22.10 27.98
CA THR B 212 14.80 -21.93 28.39
C THR B 212 13.87 -21.67 27.21
N LEU B 213 14.37 -21.69 25.99
CA LEU B 213 13.52 -21.45 24.83
C LEU B 213 12.63 -22.66 24.56
N ASN B 214 11.33 -22.41 24.46
CA ASN B 214 10.36 -23.47 24.18
C ASN B 214 10.12 -23.59 22.69
N GLU B 215 9.70 -24.78 22.27
CA GLU B 215 9.43 -25.04 20.86
C GLU B 215 8.20 -24.31 20.35
N ASP B 216 7.40 -23.72 21.24
CA ASP B 216 6.20 -23.00 20.80
C ASP B 216 6.55 -21.65 20.19
N SER B 217 7.22 -20.79 20.96
CA SER B 217 7.58 -19.44 20.51
C SER B 217 9.07 -19.22 20.77
N TYR B 218 9.89 -19.59 19.79
CA TYR B 218 11.33 -19.36 19.85
C TYR B 218 11.85 -18.55 18.69
N LYS B 219 11.27 -18.73 17.49
CA LYS B 219 11.70 -17.95 16.34
C LYS B 219 11.41 -16.47 16.52
N ASP B 220 10.34 -16.15 17.26
CA ASP B 220 10.08 -14.75 17.60
C ASP B 220 11.17 -14.20 18.50
N SER B 221 11.67 -15.02 19.42
CA SER B 221 12.72 -14.58 20.33
C SER B 221 14.08 -14.49 19.63
N THR B 222 14.39 -15.47 18.78
CA THR B 222 15.68 -15.47 18.09
C THR B 222 15.76 -14.35 17.06
N LEU B 223 14.62 -13.93 16.50
CA LEU B 223 14.64 -12.83 15.54
C LEU B 223 15.03 -11.52 16.20
N ILE B 224 14.47 -11.24 17.38
CA ILE B 224 14.81 -10.01 18.09
C ILE B 224 16.25 -10.04 18.57
N MET B 225 16.71 -11.20 19.04
CA MET B 225 18.10 -11.33 19.46
C MET B 225 19.04 -11.12 18.28
N GLN B 226 18.66 -11.58 17.10
CA GLN B 226 19.46 -11.32 15.90
C GLN B 226 19.48 -9.83 15.58
N LEU B 227 18.33 -9.16 15.73
CA LEU B 227 18.29 -7.72 15.49
C LEU B 227 19.09 -6.96 16.55
N LEU B 228 19.10 -7.44 17.78
CA LEU B 228 19.91 -6.82 18.83
C LEU B 228 21.39 -6.96 18.52
N ARG B 229 21.81 -8.13 18.04
CA ARG B 229 23.21 -8.32 17.69
C ARG B 229 23.60 -7.54 16.44
N ASP B 230 22.67 -7.37 15.50
CA ASP B 230 22.97 -6.59 14.31
C ASP B 230 23.16 -5.12 14.64
N ASN B 231 22.30 -4.57 15.49
CA ASN B 231 22.44 -3.16 15.87
C ASN B 231 23.67 -2.94 16.74
N LEU B 232 24.04 -3.91 17.57
CA LEU B 232 25.24 -3.77 18.38
C LEU B 232 26.51 -3.84 17.53
N THR B 233 26.48 -4.57 16.43
CA THR B 233 27.66 -4.69 15.58
C THR B 233 27.91 -3.42 14.80
N LEU B 234 26.85 -2.74 14.36
CA LEU B 234 26.99 -1.53 13.57
C LEU B 234 27.12 -0.27 14.42
N TRP B 235 26.74 -0.33 15.70
CA TRP B 235 26.84 0.84 16.57
C TRP B 235 28.24 1.01 17.16
N THR B 236 29.05 -0.04 17.18
CA THR B 236 30.41 0.05 17.71
C THR B 236 31.40 0.47 16.63
N LYS C 2 -1.32 -10.35 -12.77
CA LYS C 2 -2.35 -10.70 -13.75
C LYS C 2 -1.71 -11.04 -15.10
N LEU C 3 -2.56 -11.23 -16.10
CA LEU C 3 -2.09 -11.57 -17.44
C LEU C 3 -2.08 -10.34 -18.35
N SEP C 4 -2.64 -9.25 -17.85
CA SEP C 4 -2.70 -8.00 -18.61
CB SEP C 4 -3.83 -7.11 -18.06
OG SEP C 4 -3.61 -6.84 -16.68
C SEP C 4 -1.38 -7.25 -18.57
O SEP C 4 -0.44 -7.65 -17.88
P SEP C 4 -4.84 -6.00 -16.08
O1P SEP C 4 -6.22 -6.75 -16.40
O2P SEP C 4 -4.86 -4.54 -16.74
O3P SEP C 4 -4.65 -5.87 -14.48
N LEU C 5 -1.30 -6.15 -19.33
CA LEU C 5 -0.11 -5.32 -19.34
C LEU C 5 -0.02 -4.53 -18.03
N GLN C 6 0.79 -5.03 -17.10
CA GLN C 6 0.93 -4.41 -15.79
C GLN C 6 1.84 -3.19 -15.91
N GLU C 7 1.32 -2.02 -15.58
CA GLU C 7 2.08 -0.79 -15.65
C GLU C 7 2.84 -0.55 -14.34
N ARG C 8 3.66 0.51 -14.34
CA ARG C 8 4.46 0.85 -13.18
C ARG C 8 3.60 1.37 -12.04
N ARG D 1 18.54 1.36 7.07
CA ARG D 1 17.29 0.68 7.39
C ARG D 1 16.77 1.07 8.77
N LYS D 2 15.56 0.64 9.10
CA LYS D 2 14.98 0.93 10.40
C LYS D 2 15.56 -0.02 11.44
N LEU D 3 16.04 0.55 12.54
CA LEU D 3 16.66 -0.24 13.60
C LEU D 3 15.62 -0.81 14.55
N SEP D 4 14.42 -0.24 14.52
CA SEP D 4 13.34 -0.71 15.38
CB SEP D 4 12.23 0.34 15.46
OG SEP D 4 11.59 0.50 14.20
C SEP D 4 12.76 -2.03 14.87
O SEP D 4 12.93 -2.37 13.70
P SEP D 4 10.19 1.27 14.39
O1P SEP D 4 9.19 0.88 13.18
O2P SEP D 4 10.45 2.86 14.37
O3P SEP D 4 9.52 0.85 15.79
N LEU D 5 12.09 -2.76 15.75
CA LEU D 5 11.46 -4.02 15.37
C LEU D 5 10.30 -3.76 14.41
N GLN D 6 10.49 -4.16 13.15
CA GLN D 6 9.42 -4.00 12.17
C GLN D 6 8.32 -5.03 12.41
N GLU D 7 7.08 -4.57 12.36
CA GLU D 7 5.93 -5.39 12.72
C GLU D 7 5.37 -6.04 11.46
N ARG D 8 5.95 -7.18 11.10
CA ARG D 8 5.53 -7.93 9.91
C ARG D 8 4.16 -8.57 10.13
C10 OD8 E . 4.55 -8.88 16.88
C13 OD8 E . 6.44 -8.74 15.24
C15 OD8 E . 7.36 -11.34 15.49
C17 OD8 E . 7.58 -11.59 13.97
C20 OD8 E . 4.61 -3.56 20.52
C21 OD8 E . 4.28 -10.82 20.64
C22 OD8 E . 3.30 -13.04 16.76
C24 OD8 E . 4.17 -14.89 15.48
C26 OD8 E . 3.11 -12.94 14.25
C01 OD8 E . 6.75 -7.33 20.95
C02 OD8 E . 5.91 -6.97 19.96
C03 OD8 E . 5.14 -8.34 19.52
C04 OD8 E . 6.25 -9.46 19.78
C05 OD8 E . 6.97 -9.01 20.86
C06 OD8 E . 5.66 -10.92 20.06
C07 OD8 E . 5.64 -11.84 18.81
C08 OD8 E . 4.71 -11.40 17.67
C09 OD8 E . 5.28 -10.16 16.87
C11 OD8 E . 4.16 -8.36 18.30
C12 OD8 E . 5.55 -7.88 16.18
C14 OD8 E . 6.28 -10.21 15.68
C16 OD8 E . 8.70 -10.89 16.14
C18 OD8 E . 3.28 -9.01 16.03
C19 OD8 E . 4.87 -5.93 20.49
C23 OD8 E . 3.48 -14.51 16.71
C25 OD8 E . 3.42 -14.47 14.27
C27 OD8 E . 2.17 -12.66 13.23
O28 OD8 E . 5.49 -4.67 20.67
O29 OD8 E . 5.27 -13.14 19.24
O30 OD8 E . 4.60 -12.46 16.75
O31 OD8 E . 2.53 -12.54 15.62
O32 OD8 E . 1.24 -11.71 13.68
O33 OD8 E . 4.20 -14.79 13.11
O34 OD8 E . 4.35 -16.37 15.45
O35 OD8 E . 4.30 -14.93 17.86
#